data_4W5Y
# 
_entry.id   4W5Y 
# 
_audit_conform.dict_name       mmcif_pdbx.dic 
_audit_conform.dict_version    5.383 
_audit_conform.dict_location   http://mmcif.pdb.org/dictionaries/ascii/mmcif_pdbx.dic 
# 
loop_
_database_2.database_id 
_database_2.database_code 
_database_2.pdbx_database_accession 
_database_2.pdbx_DOI 
PDB   4W5Y         pdb_00004w5y 10.2210/pdb4w5y/pdb 
WWPDB D_1000203238 ?            ?                   
# 
loop_
_pdbx_audit_revision_history.ordinal 
_pdbx_audit_revision_history.data_content_type 
_pdbx_audit_revision_history.major_revision 
_pdbx_audit_revision_history.minor_revision 
_pdbx_audit_revision_history.revision_date 
1 'Structure model' 1 0 2015-05-27 
2 'Structure model' 1 1 2015-06-10 
3 'Structure model' 1 2 2015-07-01 
4 'Structure model' 1 3 2017-11-22 
5 'Structure model' 1 4 2023-12-27 
# 
_pdbx_audit_revision_details.ordinal             1 
_pdbx_audit_revision_details.revision_ordinal    1 
_pdbx_audit_revision_details.data_content_type   'Structure model' 
_pdbx_audit_revision_details.provider            repository 
_pdbx_audit_revision_details.type                'Initial release' 
_pdbx_audit_revision_details.description         ? 
_pdbx_audit_revision_details.details             ? 
# 
loop_
_pdbx_audit_revision_group.ordinal 
_pdbx_audit_revision_group.revision_ordinal 
_pdbx_audit_revision_group.data_content_type 
_pdbx_audit_revision_group.group 
1 2 'Structure model' 'Derived calculations'   
2 3 'Structure model' 'Database references'    
3 4 'Structure model' 'Database references'    
4 4 'Structure model' 'Derived calculations'   
5 4 'Structure model' 'Refinement description' 
6 4 'Structure model' 'Source and taxonomy'    
7 5 'Structure model' 'Data collection'        
8 5 'Structure model' 'Database references'    
# 
loop_
_pdbx_audit_revision_category.ordinal 
_pdbx_audit_revision_category.revision_ordinal 
_pdbx_audit_revision_category.data_content_type 
_pdbx_audit_revision_category.category 
1 4 'Structure model' citation              
2 4 'Structure model' pdbx_entity_src_syn   
3 4 'Structure model' pdbx_struct_assembly  
4 4 'Structure model' pdbx_struct_oper_list 
5 4 'Structure model' software              
6 5 'Structure model' chem_comp_atom        
7 5 'Structure model' chem_comp_bond        
8 5 'Structure model' database_2            
# 
loop_
_pdbx_audit_revision_item.ordinal 
_pdbx_audit_revision_item.revision_ordinal 
_pdbx_audit_revision_item.data_content_type 
_pdbx_audit_revision_item.item 
1 4 'Structure model' '_citation.journal_id_CSD'                  
2 4 'Structure model' '_pdbx_entity_src_syn.pdbx_alt_source_flag' 
3 4 'Structure model' '_pdbx_struct_assembly.oligomeric_details'  
4 4 'Structure model' '_pdbx_struct_oper_list.symmetry_operation' 
5 5 'Structure model' '_database_2.pdbx_DOI'                      
6 5 'Structure model' '_database_2.pdbx_database_accession'       
# 
_pdbx_database_status.status_code                     REL 
_pdbx_database_status.status_code_sf                  REL 
_pdbx_database_status.status_code_mr                  ? 
_pdbx_database_status.entry_id                        4W5Y 
_pdbx_database_status.recvd_initial_deposition_date   2014-08-19 
_pdbx_database_status.SG_entry                        N 
_pdbx_database_status.deposit_site                    RCSB 
_pdbx_database_status.process_site                    RCSB 
_pdbx_database_status.status_code_cs                  ? 
_pdbx_database_status.methods_development_category    ? 
_pdbx_database_status.pdb_format_compatible           Y 
_pdbx_database_status.status_code_nmr_data            ? 
# 
loop_
_pdbx_database_related.content_type 
_pdbx_database_related.db_id 
_pdbx_database_related.db_name 
_pdbx_database_related.details 
unspecified 4UBY PDB . 
unspecified 4UBZ PDB . 
unspecified 4W5L PDB . 
unspecified 4W5M PDB . 
unspecified 4W5P PDB . 
unspecified 4TUT PDB . 
unspecified 4W67 PDB . 
unspecified 4W71 PDB . 
unspecified 4WBU PDB . 
unspecified 4WBV PDB . 
# 
loop_
_audit_author.name 
_audit_author.pdbx_ordinal 
'Yu, L.'     1 
'Lee, S.-J.' 2 
'Yee, V.'    3 
# 
_citation.abstract                  ? 
_citation.abstract_id_CAS           ? 
_citation.book_id_ISBN              ? 
_citation.book_publisher            ? 
_citation.book_publisher_city       ? 
_citation.book_title                ? 
_citation.coordinate_linkage        ? 
_citation.country                   US 
_citation.database_id_Medline       ? 
_citation.details                   ? 
_citation.id                        primary 
_citation.journal_abbrev            Biochemistry 
_citation.journal_id_ASTM           BICHAW 
_citation.journal_id_CSD            0033 
_citation.journal_id_ISSN           0006-2960 
_citation.journal_full              ? 
_citation.journal_issue             ? 
_citation.journal_volume            54 
_citation.language                  ? 
_citation.page_first                3640 
_citation.page_last                 3648 
_citation.title                     
'Crystal Structures of Polymorphic Prion Protein beta 1 Peptides Reveal Variable Steric Zipper Conformations.' 
_citation.year                      2015 
_citation.database_id_CSD           ? 
_citation.pdbx_database_id_DOI      10.1021/acs.biochem.5b00425 
_citation.pdbx_database_id_PubMed   25978088 
_citation.unpublished_flag          ? 
# 
loop_
_citation_author.citation_id 
_citation_author.name 
_citation_author.ordinal 
_citation_author.identifier_ORCID 
primary 'Yu, L.'    1 ? 
primary 'Lee, S.J.' 2 ? 
primary 'Yee, V.C.' 3 ? 
# 
loop_
_entity.id 
_entity.type 
_entity.src_method 
_entity.pdbx_description 
_entity.formula_weight 
_entity.pdbx_number_of_molecules 
_entity.pdbx_ec 
_entity.pdbx_mutation 
_entity.pdbx_fragment 
_entity.details 
1 polymer syn 'Prp peptide' 697.802 2 ? ? ? ? 
2 water   nat water         18.015  9 ? ? ? ? 
# 
_entity_poly.entity_id                      1 
_entity_poly.type                           'polypeptide(L)' 
_entity_poly.nstd_linkage                   no 
_entity_poly.nstd_monomer                   no 
_entity_poly.pdbx_seq_one_letter_code       GYMLGSA 
_entity_poly.pdbx_seq_one_letter_code_can   GYMLGSA 
_entity_poly.pdbx_strand_id                 A,B 
_entity_poly.pdbx_target_identifier         ? 
# 
_pdbx_entity_nonpoly.entity_id   2 
_pdbx_entity_nonpoly.name        water 
_pdbx_entity_nonpoly.comp_id     HOH 
# 
loop_
_entity_poly_seq.entity_id 
_entity_poly_seq.num 
_entity_poly_seq.mon_id 
_entity_poly_seq.hetero 
1 1 GLY n 
1 2 TYR n 
1 3 MET n 
1 4 LEU n 
1 5 GLY n 
1 6 SER n 
1 7 ALA n 
# 
_pdbx_entity_src_syn.entity_id              1 
_pdbx_entity_src_syn.pdbx_src_id            1 
_pdbx_entity_src_syn.pdbx_alt_source_flag   sample 
_pdbx_entity_src_syn.pdbx_beg_seq_num       1 
_pdbx_entity_src_syn.pdbx_end_seq_num       7 
_pdbx_entity_src_syn.organism_scientific    'synthetic construct' 
_pdbx_entity_src_syn.organism_common_name   ? 
_pdbx_entity_src_syn.ncbi_taxonomy_id       32630 
_pdbx_entity_src_syn.details                ? 
# 
loop_
_chem_comp.id 
_chem_comp.type 
_chem_comp.mon_nstd_flag 
_chem_comp.name 
_chem_comp.pdbx_synonyms 
_chem_comp.formula 
_chem_comp.formula_weight 
ALA 'L-peptide linking' y ALANINE    ? 'C3 H7 N O2'    89.093  
GLY 'peptide linking'   y GLYCINE    ? 'C2 H5 N O2'    75.067  
HOH non-polymer         . WATER      ? 'H2 O'          18.015  
LEU 'L-peptide linking' y LEUCINE    ? 'C6 H13 N O2'   131.173 
MET 'L-peptide linking' y METHIONINE ? 'C5 H11 N O2 S' 149.211 
SER 'L-peptide linking' y SERINE     ? 'C3 H7 N O3'    105.093 
TYR 'L-peptide linking' y TYROSINE   ? 'C9 H11 N O3'   181.189 
# 
loop_
_pdbx_poly_seq_scheme.asym_id 
_pdbx_poly_seq_scheme.entity_id 
_pdbx_poly_seq_scheme.seq_id 
_pdbx_poly_seq_scheme.mon_id 
_pdbx_poly_seq_scheme.ndb_seq_num 
_pdbx_poly_seq_scheme.pdb_seq_num 
_pdbx_poly_seq_scheme.auth_seq_num 
_pdbx_poly_seq_scheme.pdb_mon_id 
_pdbx_poly_seq_scheme.auth_mon_id 
_pdbx_poly_seq_scheme.pdb_strand_id 
_pdbx_poly_seq_scheme.pdb_ins_code 
_pdbx_poly_seq_scheme.hetero 
A 1 1 GLY 1 127  127  GLY GLY A . n 
A 1 2 TYR 2 128  128  TYR TYR A . n 
A 1 3 MET 3 129  129  MET MET A . n 
A 1 4 LEU 4 130  130  LEU LEU A . n 
A 1 5 GLY 5 131  131  GLY GLY A . n 
A 1 6 SER 6 132  132  SER SER A . n 
A 1 7 ALA 7 1133 1133 ALA ALA A . n 
B 1 1 GLY 1 127  127  GLY GLY B . n 
B 1 2 TYR 2 128  128  TYR TYR B . n 
B 1 3 MET 3 129  129  MET MET B . n 
B 1 4 LEU 4 130  130  LEU LEU B . n 
B 1 5 GLY 5 131  131  GLY GLY B . n 
B 1 6 SER 6 132  132  SER SER B . n 
B 1 7 ALA 7 133  133  ALA ALA B . n 
# 
loop_
_pdbx_nonpoly_scheme.asym_id 
_pdbx_nonpoly_scheme.entity_id 
_pdbx_nonpoly_scheme.mon_id 
_pdbx_nonpoly_scheme.ndb_seq_num 
_pdbx_nonpoly_scheme.pdb_seq_num 
_pdbx_nonpoly_scheme.auth_seq_num 
_pdbx_nonpoly_scheme.pdb_mon_id 
_pdbx_nonpoly_scheme.auth_mon_id 
_pdbx_nonpoly_scheme.pdb_strand_id 
_pdbx_nonpoly_scheme.pdb_ins_code 
C 2 HOH 1 1201 9 HOH HOH A . 
C 2 HOH 2 1202 6 HOH HOH A . 
C 2 HOH 3 1203 8 HOH HOH A . 
C 2 HOH 4 1204 5 HOH HOH A . 
C 2 HOH 5 1205 4 HOH HOH A . 
D 2 HOH 1 201  2 HOH HOH B . 
D 2 HOH 2 202  1 HOH HOH B . 
D 2 HOH 3 203  3 HOH HOH B . 
D 2 HOH 4 204  7 HOH HOH B . 
# 
loop_
_software.citation_id 
_software.classification 
_software.compiler_name 
_software.compiler_version 
_software.contact_author 
_software.contact_author_email 
_software.date 
_software.description 
_software.dependencies 
_software.hardware 
_software.language 
_software.location 
_software.mods 
_software.name 
_software.os 
_software.os_version 
_software.type 
_software.version 
_software.pdbx_ordinal 
? 'data reduction'  ? ? ? ? ? ? ? ? ? ? ? HKL-2000    ? ? ? .                           1 
? 'data extraction' ? ? ? ? ? ? ? ? ? ? ? PDB_EXTRACT ? ? ? 3.15                        2 
? phasing           ? ? ? ? ? ? ? ? ? ? ? SHELX       ? ? ? .                           3 
? refinement        ? ? ? ? ? ? ? ? ? ? ? PHENIX      ? ? ? '(phenix.refine: 1.9_1692)' 4 
? 'data reduction'  ? ? ? ? ? ? ? ? ? ? ? DENZO       ? ? ? .                           5 
? 'data scaling'    ? ? ? ? ? ? ? ? ? ? ? SCALEPACK   ? ? ? .                           6 
# 
_cell.length_a           9.467 
_cell.length_b           10.439 
_cell.length_c           21.985 
_cell.angle_alpha        79.750 
_cell.angle_beta         81.890 
_cell.angle_gamma        66.750 
_cell.entry_id           4W5Y 
_cell.Z_PDB              2 
_cell.pdbx_unique_axis   ? 
# 
_symmetry.entry_id                         4W5Y 
_symmetry.cell_setting                     ? 
_symmetry.Int_Tables_number                1 
_symmetry.space_group_name_Hall            ? 
_symmetry.space_group_name_H-M             'P 1' 
_symmetry.pdbx_full_space_group_name_H-M   ? 
# 
_exptl.absorpt_coefficient_mu     ? 
_exptl.absorpt_correction_T_max   ? 
_exptl.absorpt_correction_T_min   ? 
_exptl.absorpt_correction_type    ? 
_exptl.absorpt_process_details    ? 
_exptl.entry_id                   4W5Y 
_exptl.crystals_number            1 
_exptl.details                    ? 
_exptl.method                     'X-RAY DIFFRACTION' 
_exptl.method_details             ? 
# 
_exptl_crystal.colour                      ? 
_exptl_crystal.density_diffrn              ? 
_exptl_crystal.density_Matthews            1.40 
_exptl_crystal.density_method              ? 
_exptl_crystal.density_percent_sol         12.34 
_exptl_crystal.description                 ? 
_exptl_crystal.F_000                       ? 
_exptl_crystal.id                          1 
_exptl_crystal.preparation                 ? 
_exptl_crystal.size_max                    ? 
_exptl_crystal.size_mid                    ? 
_exptl_crystal.size_min                    ? 
_exptl_crystal.size_rad                    ? 
_exptl_crystal.colour_lustre               ? 
_exptl_crystal.colour_modifier             ? 
_exptl_crystal.colour_primary              ? 
_exptl_crystal.density_meas                ? 
_exptl_crystal.density_meas_esd            ? 
_exptl_crystal.density_meas_gt             ? 
_exptl_crystal.density_meas_lt             ? 
_exptl_crystal.density_meas_temp           ? 
_exptl_crystal.density_meas_temp_esd       ? 
_exptl_crystal.density_meas_temp_gt        ? 
_exptl_crystal.density_meas_temp_lt        ? 
_exptl_crystal.pdbx_crystal_image_url      ? 
_exptl_crystal.pdbx_crystal_image_format   ? 
_exptl_crystal.pdbx_mosaicity              ? 
_exptl_crystal.pdbx_mosaicity_esd          ? 
# 
_exptl_crystal_grow.apparatus       ? 
_exptl_crystal_grow.atmosphere      ? 
_exptl_crystal_grow.crystal_id      1 
_exptl_crystal_grow.details         ? 
_exptl_crystal_grow.method          'VAPOR DIFFUSION, SITTING DROP' 
_exptl_crystal_grow.method_ref      ? 
_exptl_crystal_grow.pH              7.5 
_exptl_crystal_grow.pressure        ? 
_exptl_crystal_grow.pressure_esd    ? 
_exptl_crystal_grow.seeding         ? 
_exptl_crystal_grow.seeding_ref     ? 
_exptl_crystal_grow.temp            293 
_exptl_crystal_grow.temp_details    ? 
_exptl_crystal_grow.temp_esd        ? 
_exptl_crystal_grow.time            ? 
_exptl_crystal_grow.pdbx_details    '0.1 M Hepes, 2.0 M ammonium sulfate, and 2.0 M NDSB-211' 
_exptl_crystal_grow.pdbx_pH_range   ? 
# 
_diffrn.ambient_environment    ? 
_diffrn.ambient_temp           100 
_diffrn.ambient_temp_details   ? 
_diffrn.ambient_temp_esd       ? 
_diffrn.crystal_id             1 
_diffrn.crystal_support        ? 
_diffrn.crystal_treatment      ? 
_diffrn.details                ? 
_diffrn.id                     1 
_diffrn.ambient_pressure       ? 
_diffrn.ambient_pressure_esd   ? 
_diffrn.ambient_pressure_gt    ? 
_diffrn.ambient_pressure_lt    ? 
_diffrn.ambient_temp_gt        ? 
_diffrn.ambient_temp_lt        ? 
# 
_diffrn_detector.details                      ? 
_diffrn_detector.detector                     CCD 
_diffrn_detector.diffrn_id                    1 
_diffrn_detector.type                         'ADSC QUANTUM 315r' 
_diffrn_detector.area_resol_mean              ? 
_diffrn_detector.dtime                        ? 
_diffrn_detector.pdbx_frames_total            ? 
_diffrn_detector.pdbx_collection_time_total   ? 
_diffrn_detector.pdbx_collection_date         2007-08-14 
# 
_diffrn_radiation.collimation                      ? 
_diffrn_radiation.diffrn_id                        1 
_diffrn_radiation.filter_edge                      ? 
_diffrn_radiation.inhomogeneity                    ? 
_diffrn_radiation.monochromator                    ? 
_diffrn_radiation.polarisn_norm                    ? 
_diffrn_radiation.polarisn_ratio                   ? 
_diffrn_radiation.probe                            ? 
_diffrn_radiation.type                             ? 
_diffrn_radiation.xray_symbol                      ? 
_diffrn_radiation.wavelength_id                    1 
_diffrn_radiation.pdbx_monochromatic_or_laue_m_l   M 
_diffrn_radiation.pdbx_wavelength_list             ? 
_diffrn_radiation.pdbx_wavelength                  ? 
_diffrn_radiation.pdbx_diffrn_protocol             'SINGLE WAVELENGTH' 
_diffrn_radiation.pdbx_analyzer                    ? 
_diffrn_radiation.pdbx_scattering_type             x-ray 
# 
_diffrn_radiation_wavelength.id           1 
_diffrn_radiation_wavelength.wavelength   0.91840 
_diffrn_radiation_wavelength.wt           1.0 
# 
_diffrn_source.current                     ? 
_diffrn_source.details                     ? 
_diffrn_source.diffrn_id                   1 
_diffrn_source.power                       ? 
_diffrn_source.size                        ? 
_diffrn_source.source                      SYNCHROTRON 
_diffrn_source.target                      ? 
_diffrn_source.type                        'APS BEAMLINE 19-ID' 
_diffrn_source.voltage                     ? 
_diffrn_source.take-off_angle              ? 
_diffrn_source.pdbx_wavelength_list        0.91840 
_diffrn_source.pdbx_wavelength             ? 
_diffrn_source.pdbx_synchrotron_beamline   19-ID 
_diffrn_source.pdbx_synchrotron_site       APS 
# 
_reflns.B_iso_Wilson_estimate            1.890 
_reflns.entry_id                         4W5Y 
_reflns.data_reduction_details           ? 
_reflns.data_reduction_method            ? 
_reflns.d_resolution_high                1.120 
_reflns.d_resolution_low                 50.000 
_reflns.details                          ? 
_reflns.limit_h_max                      ? 
_reflns.limit_h_min                      ? 
_reflns.limit_k_max                      ? 
_reflns.limit_k_min                      ? 
_reflns.limit_l_max                      ? 
_reflns.limit_l_min                      ? 
_reflns.number_all                       ? 
_reflns.number_obs                       2879 
_reflns.observed_criterion               ? 
_reflns.observed_criterion_F_max         ? 
_reflns.observed_criterion_F_min         ? 
_reflns.observed_criterion_I_max         ? 
_reflns.observed_criterion_I_min         ? 
_reflns.observed_criterion_sigma_F       ? 
_reflns.observed_criterion_sigma_I       ? 
_reflns.percent_possible_obs             98.400 
_reflns.R_free_details                   ? 
_reflns.Rmerge_F_all                     ? 
_reflns.Rmerge_F_obs                     ? 
_reflns.Friedel_coverage                 ? 
_reflns.number_gt                        ? 
_reflns.threshold_expression             ? 
_reflns.pdbx_redundancy                  10.000 
_reflns.pdbx_Rmerge_I_obs                0.056 
_reflns.pdbx_Rmerge_I_all                ? 
_reflns.pdbx_Rsym_value                  ? 
_reflns.pdbx_netI_over_av_sigmaI         41.126 
_reflns.pdbx_netI_over_sigmaI            17.200 
_reflns.pdbx_res_netI_over_av_sigmaI_2   ? 
_reflns.pdbx_res_netI_over_sigmaI_2      ? 
_reflns.pdbx_chi_squared                 1.000 
_reflns.pdbx_scaling_rejects             ? 
_reflns.pdbx_d_res_high_opt              ? 
_reflns.pdbx_d_res_low_opt               ? 
_reflns.pdbx_d_res_opt_method            ? 
_reflns.phase_calculation_details        ? 
_reflns.pdbx_Rrim_I_all                  ? 
_reflns.pdbx_Rpim_I_all                  ? 
_reflns.pdbx_d_opt                       ? 
_reflns.pdbx_number_measured_all         28915 
_reflns.pdbx_diffrn_id                   1 
_reflns.pdbx_ordinal                     1 
_reflns.pdbx_CC_half                     ? 
_reflns.pdbx_R_split                     ? 
# 
loop_
_reflns_shell.d_res_high 
_reflns_shell.d_res_low 
_reflns_shell.meanI_over_sigI_all 
_reflns_shell.meanI_over_sigI_obs 
_reflns_shell.number_measured_all 
_reflns_shell.number_measured_obs 
_reflns_shell.number_possible 
_reflns_shell.number_unique_all 
_reflns_shell.number_unique_obs 
_reflns_shell.percent_possible_all 
_reflns_shell.percent_possible_obs 
_reflns_shell.Rmerge_F_all 
_reflns_shell.Rmerge_F_obs 
_reflns_shell.Rmerge_I_all 
_reflns_shell.Rmerge_I_obs 
_reflns_shell.meanI_over_sigI_gt 
_reflns_shell.meanI_over_uI_all 
_reflns_shell.meanI_over_uI_gt 
_reflns_shell.number_measured_gt 
_reflns_shell.number_unique_gt 
_reflns_shell.percent_possible_gt 
_reflns_shell.Rmerge_F_gt 
_reflns_shell.Rmerge_I_gt 
_reflns_shell.pdbx_redundancy 
_reflns_shell.pdbx_Rsym_value 
_reflns_shell.pdbx_chi_squared 
_reflns_shell.pdbx_netI_over_sigmaI_all 
_reflns_shell.pdbx_netI_over_sigmaI_obs 
_reflns_shell.pdbx_Rrim_I_all 
_reflns_shell.pdbx_Rpim_I_all 
_reflns_shell.pdbx_rejects 
_reflns_shell.pdbx_ordinal 
_reflns_shell.pdbx_diffrn_id 
_reflns_shell.pdbx_CC_half 
_reflns_shell.pdbx_R_split 
1.120 1.160  ? ? ? ? ? 273 ? 90.700  ? ? ? ? 0.083 ? ? ? ? ? ? ? ? 6.900  ? 0.975 ? ? ? ? 0 1  1 ? ? 
1.160 1.210  ? ? ? ? ? 295 ? 98.300  ? ? ? ? 0.088 ? ? ? ? ? ? ? ? 9.600  ? 1.003 ? ? ? ? 0 2  1 ? ? 
1.210 1.260  ? ? ? ? ? 278 ? 98.900  ? ? ? ? 0.088 ? ? ? ? ? ? ? ? 10.000 ? 1.005 ? ? ? ? 0 3  1 ? ? 
1.260 1.330  ? ? ? ? ? 293 ? 99.300  ? ? ? ? 0.070 ? ? ? ? ? ? ? ? 9.400  ? 1.009 ? ? ? ? 0 4  1 ? ? 
1.330 1.410  ? ? ? ? ? 281 ? 99.600  ? ? ? ? 0.077 ? ? ? ? ? ? ? ? 10.100 ? 1.000 ? ? ? ? 0 5  1 ? ? 
1.410 1.520  ? ? ? ? ? 301 ? 100.000 ? ? ? ? 0.062 ? ? ? ? ? ? ? ? 10.400 ? 1.000 ? ? ? ? 0 6  1 ? ? 
1.520 1.670  ? ? ? ? ? 284 ? 99.300  ? ? ? ? 0.062 ? ? ? ? ? ? ? ? 11.000 ? 0.996 ? ? ? ? 0 7  1 ? ? 
1.670 1.920  ? ? ? ? ? 301 ? 100.000 ? ? ? ? 0.051 ? ? ? ? ? ? ? ? 10.800 ? 0.991 ? ? ? ? 0 8  1 ? ? 
1.920 2.410  ? ? ? ? ? 289 ? 99.700  ? ? ? ? 0.044 ? ? ? ? ? ? ? ? 11.400 ? 1.007 ? ? ? ? 0 9  1 ? ? 
2.410 50.000 ? ? ? ? ? 284 ? 98.300  ? ? ? ? 0.040 ? ? ? ? ? ? ? ? 10.700 ? 1.008 ? ? ? ? 0 10 1 ? ? 
# 
_refine.aniso_B[1][1]                            ? 
_refine.aniso_B[1][2]                            ? 
_refine.aniso_B[1][3]                            ? 
_refine.aniso_B[2][2]                            ? 
_refine.aniso_B[2][3]                            ? 
_refine.aniso_B[3][3]                            ? 
_refine.B_iso_max                                8.990 
_refine.B_iso_mean                               2.7084 
_refine.B_iso_min                                0.930 
_refine.correlation_coeff_Fo_to_Fc               ? 
_refine.correlation_coeff_Fo_to_Fc_free          ? 
_refine.details                                  ? 
_refine.diff_density_max                         ? 
_refine.diff_density_max_esd                     ? 
_refine.diff_density_min                         ? 
_refine.diff_density_min_esd                     ? 
_refine.diff_density_rms                         ? 
_refine.diff_density_rms_esd                     ? 
_refine.entry_id                                 4W5Y 
_refine.pdbx_refine_id                           'X-RAY DIFFRACTION' 
_refine.ls_abs_structure_details                 ? 
_refine.ls_abs_structure_Flack                   ? 
_refine.ls_abs_structure_Flack_esd               ? 
_refine.ls_abs_structure_Rogers                  ? 
_refine.ls_abs_structure_Rogers_esd              ? 
_refine.ls_d_res_high                            1.1220 
_refine.ls_d_res_low                             10.7840 
_refine.ls_extinction_coef                       ? 
_refine.ls_extinction_coef_esd                   ? 
_refine.ls_extinction_expression                 ? 
_refine.ls_extinction_method                     ? 
_refine.ls_goodness_of_fit_all                   ? 
_refine.ls_goodness_of_fit_all_esd               ? 
_refine.ls_goodness_of_fit_obs                   ? 
_refine.ls_goodness_of_fit_obs_esd               ? 
_refine.ls_hydrogen_treatment                    ? 
_refine.ls_matrix_type                           ? 
_refine.ls_number_constraints                    ? 
_refine.ls_number_parameters                     ? 
_refine.ls_number_reflns_all                     ? 
_refine.ls_number_reflns_obs                     2874 
_refine.ls_number_reflns_R_free                  130 
_refine.ls_number_reflns_R_work                  2744 
_refine.ls_number_restraints                     ? 
_refine.ls_percent_reflns_obs                    98.7300 
_refine.ls_percent_reflns_R_free                 4.5200 
_refine.ls_R_factor_all                          ? 
_refine.ls_R_factor_obs                          0.0822 
_refine.ls_R_factor_R_free                       0.1000 
_refine.ls_R_factor_R_free_error                 ? 
_refine.ls_R_factor_R_free_error_details         ? 
_refine.ls_R_factor_R_work                       0.0812 
_refine.ls_R_Fsqd_factor_obs                     ? 
_refine.ls_R_I_factor_obs                        ? 
_refine.ls_redundancy_reflns_all                 ? 
_refine.ls_redundancy_reflns_obs                 ? 
_refine.ls_restrained_S_all                      ? 
_refine.ls_restrained_S_obs                      ? 
_refine.ls_shift_over_esd_max                    ? 
_refine.ls_shift_over_esd_mean                   ? 
_refine.ls_structure_factor_coef                 ? 
_refine.ls_weighting_details                     ? 
_refine.ls_weighting_scheme                      ? 
_refine.ls_wR_factor_all                         ? 
_refine.ls_wR_factor_obs                         ? 
_refine.ls_wR_factor_R_free                      ? 
_refine.ls_wR_factor_R_work                      ? 
_refine.occupancy_max                            ? 
_refine.occupancy_min                            ? 
_refine.solvent_model_details                    'FLAT BULK SOLVENT MODEL' 
_refine.solvent_model_param_bsol                 ? 
_refine.solvent_model_param_ksol                 ? 
_refine.ls_R_factor_gt                           ? 
_refine.ls_goodness_of_fit_gt                    ? 
_refine.ls_goodness_of_fit_ref                   ? 
_refine.ls_shift_over_su_max                     ? 
_refine.ls_shift_over_su_max_lt                  ? 
_refine.ls_shift_over_su_mean                    ? 
_refine.ls_shift_over_su_mean_lt                 ? 
_refine.pdbx_ls_sigma_I                          ? 
_refine.pdbx_ls_sigma_F                          2.210 
_refine.pdbx_ls_sigma_Fsqd                       ? 
_refine.pdbx_data_cutoff_high_absF               ? 
_refine.pdbx_data_cutoff_high_rms_absF           ? 
_refine.pdbx_data_cutoff_low_absF                ? 
_refine.pdbx_isotropic_thermal_model             ? 
_refine.pdbx_ls_cross_valid_method               'FREE R-VALUE' 
_refine.pdbx_method_to_determine_struct          'AB INITIO PHASING' 
_refine.pdbx_starting_model                      ? 
_refine.pdbx_stereochemistry_target_values       ML 
_refine.pdbx_R_Free_selection_details            ? 
_refine.pdbx_stereochem_target_val_spec_case     ? 
_refine.pdbx_overall_ESU_R                       ? 
_refine.pdbx_overall_ESU_R_Free                  ? 
_refine.pdbx_solvent_vdw_probe_radii             1.1100 
_refine.pdbx_solvent_ion_probe_radii             ? 
_refine.pdbx_solvent_shrinkage_radii             0.9000 
_refine.pdbx_real_space_R                        ? 
_refine.pdbx_density_correlation                 ? 
_refine.pdbx_pd_number_of_powder_patterns        ? 
_refine.pdbx_pd_number_of_points                 ? 
_refine.pdbx_pd_meas_number_of_points            ? 
_refine.pdbx_pd_proc_ls_prof_R_factor            ? 
_refine.pdbx_pd_proc_ls_prof_wR_factor           ? 
_refine.pdbx_pd_Marquardt_correlation_coeff      ? 
_refine.pdbx_pd_Fsqrd_R_factor                   ? 
_refine.pdbx_pd_ls_matrix_band_width             ? 
_refine.pdbx_overall_phase_error                 10.1300 
_refine.pdbx_overall_SU_R_free_Cruickshank_DPI   ? 
_refine.pdbx_overall_SU_R_free_Blow_DPI          ? 
_refine.pdbx_overall_SU_R_Blow_DPI               ? 
_refine.pdbx_TLS_residual_ADP_flag               ? 
_refine.pdbx_diffrn_id                           1 
_refine.overall_SU_B                             ? 
_refine.overall_SU_ML                            0.0000 
_refine.overall_SU_R_Cruickshank_DPI             ? 
_refine.overall_SU_R_free                        ? 
_refine.overall_FOM_free_R_set                   ? 
_refine.overall_FOM_work_R_set                   ? 
# 
_refine_hist.cycle_id                         final 
_refine_hist.pdbx_refine_id                   'X-RAY DIFFRACTION' 
_refine_hist.d_res_high                       1.1220 
_refine_hist.d_res_low                        10.7840 
_refine_hist.pdbx_number_atoms_ligand         0 
_refine_hist.number_atoms_solvent             9 
_refine_hist.number_atoms_total               105 
_refine_hist.pdbx_number_residues_total       14 
_refine_hist.pdbx_B_iso_mean_solvent          7.03 
_refine_hist.pdbx_number_atoms_protein        96 
_refine_hist.pdbx_number_atoms_nucleic_acid   0 
# 
loop_
_refine_ls_restr.pdbx_refine_id 
_refine_ls_restr.criterion 
_refine_ls_restr.dev_ideal 
_refine_ls_restr.dev_ideal_target 
_refine_ls_restr.number 
_refine_ls_restr.rejects 
_refine_ls_restr.type 
_refine_ls_restr.weight 
_refine_ls_restr.pdbx_restraint_function 
'X-RAY DIFFRACTION' ? 0.009  ? 102 ? f_bond_d           ? ? 
'X-RAY DIFFRACTION' ? 1.259  ? 135 ? f_angle_d          ? ? 
'X-RAY DIFFRACTION' ? 0.053  ? 13  ? f_chiral_restr     ? ? 
'X-RAY DIFFRACTION' ? 0.004  ? 17  ? f_plane_restr      ? ? 
'X-RAY DIFFRACTION' ? 12.237 ? 37  ? f_dihedral_angle_d ? ? 
# 
_refine_ls_shell.pdbx_refine_id                   'X-RAY DIFFRACTION' 
_refine_ls_shell.d_res_high                       1.1224 
_refine_ls_shell.d_res_low                        10.7844 
_refine_ls_shell.number_reflns_all                2874 
_refine_ls_shell.number_reflns_obs                ? 
_refine_ls_shell.number_reflns_R_free             130 
_refine_ls_shell.number_reflns_R_work             2744 
_refine_ls_shell.percent_reflns_obs               99.0000 
_refine_ls_shell.percent_reflns_R_free            ? 
_refine_ls_shell.R_factor_all                     ? 
_refine_ls_shell.R_factor_obs                     ? 
_refine_ls_shell.R_factor_R_free                  0.1000 
_refine_ls_shell.R_factor_R_free_error            ? 
_refine_ls_shell.R_factor_R_work                  0.0812 
_refine_ls_shell.redundancy_reflns_all            ? 
_refine_ls_shell.redundancy_reflns_obs            ? 
_refine_ls_shell.wR_factor_all                    ? 
_refine_ls_shell.wR_factor_obs                    ? 
_refine_ls_shell.wR_factor_R_free                 ? 
_refine_ls_shell.wR_factor_R_work                 ? 
_refine_ls_shell.pdbx_total_number_of_bins_used   1 
_refine_ls_shell.pdbx_phase_error                 ? 
# 
_struct.entry_id                     4W5Y 
_struct.title                        'Crystal structure of Prp pepttide' 
_struct.pdbx_model_details           ? 
_struct.pdbx_formula_weight          ? 
_struct.pdbx_formula_weight_method   ? 
_struct.pdbx_model_type_details      ? 
_struct.pdbx_CASP_flag               ? 
# 
_struct_keywords.entry_id        4W5Y 
_struct_keywords.text            'prion peptide, membrane protein, de novo protein' 
_struct_keywords.pdbx_keywords   'de novo protein, membrane protein' 
# 
loop_
_struct_asym.id 
_struct_asym.pdbx_blank_PDB_chainid_flag 
_struct_asym.pdbx_modified 
_struct_asym.entity_id 
_struct_asym.details 
A N N 1 ? 
B N N 1 ? 
C N N 2 ? 
D N N 2 ? 
# 
_struct_ref.id                         1 
_struct_ref.db_name                    PDB 
_struct_ref.db_code                    4W5Y 
_struct_ref.pdbx_db_accession          4W5Y 
_struct_ref.pdbx_db_isoform            ? 
_struct_ref.entity_id                  1 
_struct_ref.pdbx_seq_one_letter_code   ? 
_struct_ref.pdbx_align_begin           1 
# 
loop_
_struct_ref_seq.align_id 
_struct_ref_seq.ref_id 
_struct_ref_seq.pdbx_PDB_id_code 
_struct_ref_seq.pdbx_strand_id 
_struct_ref_seq.seq_align_beg 
_struct_ref_seq.pdbx_seq_align_beg_ins_code 
_struct_ref_seq.seq_align_end 
_struct_ref_seq.pdbx_seq_align_end_ins_code 
_struct_ref_seq.pdbx_db_accession 
_struct_ref_seq.db_align_beg 
_struct_ref_seq.pdbx_db_align_beg_ins_code 
_struct_ref_seq.db_align_end 
_struct_ref_seq.pdbx_db_align_end_ins_code 
_struct_ref_seq.pdbx_auth_seq_align_beg 
_struct_ref_seq.pdbx_auth_seq_align_end 
1 1 4W5Y A 1 ? 7 ? 4W5Y 127 ? 1133 ? 127 1133 
2 1 4W5Y B 1 ? 7 ? 4W5Y 127 ? 133  ? 127 133  
# 
_pdbx_struct_assembly.id                   1 
_pdbx_struct_assembly.details              author_defined_assembly 
_pdbx_struct_assembly.method_details       ? 
_pdbx_struct_assembly.oligomeric_details   octameric 
_pdbx_struct_assembly.oligomeric_count     8 
# 
loop_
_pdbx_struct_assembly_gen.assembly_id 
_pdbx_struct_assembly_gen.oper_expression 
_pdbx_struct_assembly_gen.asym_id_list 
1 1,2,3,4 A,C 
1 1,2,5,6 B,D 
# 
loop_
_pdbx_struct_oper_list.id 
_pdbx_struct_oper_list.type 
_pdbx_struct_oper_list.name 
_pdbx_struct_oper_list.symmetry_operation 
_pdbx_struct_oper_list.matrix[1][1] 
_pdbx_struct_oper_list.matrix[1][2] 
_pdbx_struct_oper_list.matrix[1][3] 
_pdbx_struct_oper_list.vector[1] 
_pdbx_struct_oper_list.matrix[2][1] 
_pdbx_struct_oper_list.matrix[2][2] 
_pdbx_struct_oper_list.matrix[2][3] 
_pdbx_struct_oper_list.vector[2] 
_pdbx_struct_oper_list.matrix[3][1] 
_pdbx_struct_oper_list.matrix[3][2] 
_pdbx_struct_oper_list.matrix[3][3] 
_pdbx_struct_oper_list.vector[3] 
1 'identity operation'         1_555 x,y,z     1.0000000000 0.0000000000 0.0000000000 0.0000000000  0.0000000000 1.0000000000 0.0000000000 0.0000000000  0.0000000000 0.0000000000 1.0000000000 0.0000000000  
2 'crystal symmetry operation' 1_655 x+1,y,z   1.0000000000 0.0000000000 0.0000000000 -5.0801428082 0.0000000000 1.0000000000 0.0000000000 -7.9096650984 0.0000000000 0.0000000000 1.0000000000 1.1195695957  
3 'crystal symmetry operation' 1_665 x+1,y+1,z 1.0000000000 0.0000000000 0.0000000000 -8.2499110006 0.0000000000 1.0000000000 0.0000000000 -9.4142625916 0.0000000000 0.0000000000 1.0000000000 10.9512264748 
4 'crystal symmetry operation' 1_565 x,y+1,z   1.0000000000 0.0000000000 0.0000000000 -3.1697681924 0.0000000000 1.0000000000 0.0000000000 -1.5045974932 0.0000000000 0.0000000000 1.0000000000 9.8316568791  
5 'crystal symmetry operation' 1_545 x,y-1,z   1.0000000000 0.0000000000 0.0000000000 3.1697681924  0.0000000000 1.0000000000 0.0000000000 1.5045974932  0.0000000000 0.0000000000 1.0000000000 -9.8316568791 
6 'crystal symmetry operation' 1_645 x+1,y-1,z 1.0000000000 0.0000000000 0.0000000000 -1.9103746158 0.0000000000 1.0000000000 0.0000000000 -6.4050676052 0.0000000000 0.0000000000 1.0000000000 -8.7120872834 
# 
_struct_biol.details                      
;BIOLOGICAL UNIT DISPLAYS ONLY A PORTION OF THE CRYSTAL       
LATTICE TO DEMONSTRATE THE CRYSTAL PACKING CONTENT. THE CRYSTAL      
PACKING IS FORMED BY A REPETITION IN BOTH DIRECTIONS OF THE PORTION   INDICATED IN REMARK 350.
;
_struct_biol.id                           1 
_struct_biol.pdbx_parent_biol_id          ? 
_struct_biol.pdbx_formula_weight          ? 
_struct_biol.pdbx_formula_weight_method   ? 
_struct_biol.pdbx_aggregation_state       ? 
_struct_biol.pdbx_assembly_method         ? 
# 
loop_
_chem_comp_atom.comp_id 
_chem_comp_atom.atom_id 
_chem_comp_atom.type_symbol 
_chem_comp_atom.pdbx_aromatic_flag 
_chem_comp_atom.pdbx_stereo_config 
_chem_comp_atom.pdbx_ordinal 
ALA N    N N N 1   
ALA CA   C N S 2   
ALA C    C N N 3   
ALA O    O N N 4   
ALA CB   C N N 5   
ALA OXT  O N N 6   
ALA H    H N N 7   
ALA H2   H N N 8   
ALA HA   H N N 9   
ALA HB1  H N N 10  
ALA HB2  H N N 11  
ALA HB3  H N N 12  
ALA HXT  H N N 13  
GLY N    N N N 14  
GLY CA   C N N 15  
GLY C    C N N 16  
GLY O    O N N 17  
GLY OXT  O N N 18  
GLY H    H N N 19  
GLY H2   H N N 20  
GLY HA2  H N N 21  
GLY HA3  H N N 22  
GLY HXT  H N N 23  
HOH O    O N N 24  
HOH H1   H N N 25  
HOH H2   H N N 26  
LEU N    N N N 27  
LEU CA   C N S 28  
LEU C    C N N 29  
LEU O    O N N 30  
LEU CB   C N N 31  
LEU CG   C N N 32  
LEU CD1  C N N 33  
LEU CD2  C N N 34  
LEU OXT  O N N 35  
LEU H    H N N 36  
LEU H2   H N N 37  
LEU HA   H N N 38  
LEU HB2  H N N 39  
LEU HB3  H N N 40  
LEU HG   H N N 41  
LEU HD11 H N N 42  
LEU HD12 H N N 43  
LEU HD13 H N N 44  
LEU HD21 H N N 45  
LEU HD22 H N N 46  
LEU HD23 H N N 47  
LEU HXT  H N N 48  
MET N    N N N 49  
MET CA   C N S 50  
MET C    C N N 51  
MET O    O N N 52  
MET CB   C N N 53  
MET CG   C N N 54  
MET SD   S N N 55  
MET CE   C N N 56  
MET OXT  O N N 57  
MET H    H N N 58  
MET H2   H N N 59  
MET HA   H N N 60  
MET HB2  H N N 61  
MET HB3  H N N 62  
MET HG2  H N N 63  
MET HG3  H N N 64  
MET HE1  H N N 65  
MET HE2  H N N 66  
MET HE3  H N N 67  
MET HXT  H N N 68  
SER N    N N N 69  
SER CA   C N S 70  
SER C    C N N 71  
SER O    O N N 72  
SER CB   C N N 73  
SER OG   O N N 74  
SER OXT  O N N 75  
SER H    H N N 76  
SER H2   H N N 77  
SER HA   H N N 78  
SER HB2  H N N 79  
SER HB3  H N N 80  
SER HG   H N N 81  
SER HXT  H N N 82  
TYR N    N N N 83  
TYR CA   C N S 84  
TYR C    C N N 85  
TYR O    O N N 86  
TYR CB   C N N 87  
TYR CG   C Y N 88  
TYR CD1  C Y N 89  
TYR CD2  C Y N 90  
TYR CE1  C Y N 91  
TYR CE2  C Y N 92  
TYR CZ   C Y N 93  
TYR OH   O N N 94  
TYR OXT  O N N 95  
TYR H    H N N 96  
TYR H2   H N N 97  
TYR HA   H N N 98  
TYR HB2  H N N 99  
TYR HB3  H N N 100 
TYR HD1  H N N 101 
TYR HD2  H N N 102 
TYR HE1  H N N 103 
TYR HE2  H N N 104 
TYR HH   H N N 105 
TYR HXT  H N N 106 
# 
loop_
_chem_comp_bond.comp_id 
_chem_comp_bond.atom_id_1 
_chem_comp_bond.atom_id_2 
_chem_comp_bond.value_order 
_chem_comp_bond.pdbx_aromatic_flag 
_chem_comp_bond.pdbx_stereo_config 
_chem_comp_bond.pdbx_ordinal 
ALA N   CA   sing N N 1   
ALA N   H    sing N N 2   
ALA N   H2   sing N N 3   
ALA CA  C    sing N N 4   
ALA CA  CB   sing N N 5   
ALA CA  HA   sing N N 6   
ALA C   O    doub N N 7   
ALA C   OXT  sing N N 8   
ALA CB  HB1  sing N N 9   
ALA CB  HB2  sing N N 10  
ALA CB  HB3  sing N N 11  
ALA OXT HXT  sing N N 12  
GLY N   CA   sing N N 13  
GLY N   H    sing N N 14  
GLY N   H2   sing N N 15  
GLY CA  C    sing N N 16  
GLY CA  HA2  sing N N 17  
GLY CA  HA3  sing N N 18  
GLY C   O    doub N N 19  
GLY C   OXT  sing N N 20  
GLY OXT HXT  sing N N 21  
HOH O   H1   sing N N 22  
HOH O   H2   sing N N 23  
LEU N   CA   sing N N 24  
LEU N   H    sing N N 25  
LEU N   H2   sing N N 26  
LEU CA  C    sing N N 27  
LEU CA  CB   sing N N 28  
LEU CA  HA   sing N N 29  
LEU C   O    doub N N 30  
LEU C   OXT  sing N N 31  
LEU CB  CG   sing N N 32  
LEU CB  HB2  sing N N 33  
LEU CB  HB3  sing N N 34  
LEU CG  CD1  sing N N 35  
LEU CG  CD2  sing N N 36  
LEU CG  HG   sing N N 37  
LEU CD1 HD11 sing N N 38  
LEU CD1 HD12 sing N N 39  
LEU CD1 HD13 sing N N 40  
LEU CD2 HD21 sing N N 41  
LEU CD2 HD22 sing N N 42  
LEU CD2 HD23 sing N N 43  
LEU OXT HXT  sing N N 44  
MET N   CA   sing N N 45  
MET N   H    sing N N 46  
MET N   H2   sing N N 47  
MET CA  C    sing N N 48  
MET CA  CB   sing N N 49  
MET CA  HA   sing N N 50  
MET C   O    doub N N 51  
MET C   OXT  sing N N 52  
MET CB  CG   sing N N 53  
MET CB  HB2  sing N N 54  
MET CB  HB3  sing N N 55  
MET CG  SD   sing N N 56  
MET CG  HG2  sing N N 57  
MET CG  HG3  sing N N 58  
MET SD  CE   sing N N 59  
MET CE  HE1  sing N N 60  
MET CE  HE2  sing N N 61  
MET CE  HE3  sing N N 62  
MET OXT HXT  sing N N 63  
SER N   CA   sing N N 64  
SER N   H    sing N N 65  
SER N   H2   sing N N 66  
SER CA  C    sing N N 67  
SER CA  CB   sing N N 68  
SER CA  HA   sing N N 69  
SER C   O    doub N N 70  
SER C   OXT  sing N N 71  
SER CB  OG   sing N N 72  
SER CB  HB2  sing N N 73  
SER CB  HB3  sing N N 74  
SER OG  HG   sing N N 75  
SER OXT HXT  sing N N 76  
TYR N   CA   sing N N 77  
TYR N   H    sing N N 78  
TYR N   H2   sing N N 79  
TYR CA  C    sing N N 80  
TYR CA  CB   sing N N 81  
TYR CA  HA   sing N N 82  
TYR C   O    doub N N 83  
TYR C   OXT  sing N N 84  
TYR CB  CG   sing N N 85  
TYR CB  HB2  sing N N 86  
TYR CB  HB3  sing N N 87  
TYR CG  CD1  doub Y N 88  
TYR CG  CD2  sing Y N 89  
TYR CD1 CE1  sing Y N 90  
TYR CD1 HD1  sing N N 91  
TYR CD2 CE2  doub Y N 92  
TYR CD2 HD2  sing N N 93  
TYR CE1 CZ   doub Y N 94  
TYR CE1 HE1  sing N N 95  
TYR CE2 CZ   sing Y N 96  
TYR CE2 HE2  sing N N 97  
TYR CZ  OH   sing N N 98  
TYR OH  HH   sing N N 99  
TYR OXT HXT  sing N N 100 
# 
_atom_sites.entry_id                    4W5Y 
_atom_sites.fract_transf_matrix[1][1]   -0.04458628 
_atom_sites.fract_transf_matrix[1][2]   -0.10203482 
_atom_sites.fract_transf_matrix[1][3]   -0.02998178 
_atom_sites.fract_transf_matrix[2][1]   0.00143189 
_atom_sites.fract_transf_matrix[2][2]   0.01384183 
_atom_sites.fract_transf_matrix[2][3]   0.10428872 
_atom_sites.fract_transf_matrix[3][1]   -0.03884867 
_atom_sites.fract_transf_matrix[3][2]   0.02369170 
_atom_sites.fract_transf_matrix[3][3]   -0.00889929 
_atom_sites.fract_transf_vector[1]      0.315972 
_atom_sites.fract_transf_vector[2]      0.956546 
_atom_sites.fract_transf_vector[3]      0.084851 
# 
loop_
_atom_type.symbol 
C 
N 
O 
S 
# 
loop_
_atom_site.group_PDB 
_atom_site.id 
_atom_site.type_symbol 
_atom_site.label_atom_id 
_atom_site.label_alt_id 
_atom_site.label_comp_id 
_atom_site.label_asym_id 
_atom_site.label_entity_id 
_atom_site.label_seq_id 
_atom_site.pdbx_PDB_ins_code 
_atom_site.Cartn_x 
_atom_site.Cartn_y 
_atom_site.Cartn_z 
_atom_site.occupancy 
_atom_site.B_iso_or_equiv 
_atom_site.pdbx_formal_charge 
_atom_site.auth_seq_id 
_atom_site.auth_comp_id 
_atom_site.auth_asym_id 
_atom_site.auth_atom_id 
_atom_site.pdbx_PDB_model_num 
ATOM   1   N N   . GLY A 1 1 ? -8.648 4.442  -0.995 1.00 1.55 ? 127  GLY A N   1 
ATOM   2   C CA  . GLY A 1 1 ? -7.224 4.546  -1.285 1.00 1.39 ? 127  GLY A CA  1 
ATOM   3   C C   . GLY A 1 1 ? -6.727 3.206  -1.792 1.00 1.39 ? 127  GLY A C   1 
ATOM   4   O O   . GLY A 1 1 ? -7.448 2.209  -1.708 1.00 2.15 ? 127  GLY A O   1 
ATOM   5   N N   . TYR A 1 2 ? -5.502 3.165  -2.303 1.00 0.93 ? 128  TYR A N   1 
ATOM   6   C CA  . TYR A 1 2 ? -4.970 1.926  -2.841 1.00 1.02 ? 128  TYR A CA  1 
ATOM   7   C C   . TYR A 1 2 ? -3.453 1.930  -2.810 1.00 0.98 ? 128  TYR A C   1 
ATOM   8   O O   . TYR A 1 2 ? -2.799 2.980  -2.764 1.00 1.18 ? 128  TYR A O   1 
ATOM   9   C CB  . TYR A 1 2 ? -5.479 1.704  -4.290 1.00 1.40 ? 128  TYR A CB  1 
ATOM   10  C CG  . TYR A 1 2 ? -5.079 2.794  -5.270 1.00 1.45 ? 128  TYR A CG  1 
ATOM   11  C CD1 . TYR A 1 2 ? -5.830 3.958  -5.389 1.00 1.72 ? 128  TYR A CD1 1 
ATOM   12  C CD2 . TYR A 1 2 ? -3.942 2.667  -6.065 1.00 1.98 ? 128  TYR A CD2 1 
ATOM   13  C CE1 . TYR A 1 2 ? -5.466 4.963  -6.290 1.00 1.98 ? 128  TYR A CE1 1 
ATOM   14  C CE2 . TYR A 1 2 ? -3.565 3.662  -6.959 1.00 2.07 ? 128  TYR A CE2 1 
ATOM   15  C CZ  . TYR A 1 2 ? -4.329 4.805  -7.069 1.00 2.33 ? 128  TYR A CZ  1 
ATOM   16  O OH  . TYR A 1 2 ? -3.940 5.785  -7.960 1.00 2.98 ? 128  TYR A OH  1 
ATOM   17  N N   . MET A 1 3 ? -2.905 0.721  -2.865 1.00 1.14 ? 129  MET A N   1 
ATOM   18  C CA  . MET A 1 3 ? -1.472 0.511  -2.997 1.00 1.31 ? 129  MET A CA  1 
ATOM   19  C C   . MET A 1 3 ? -1.271 -0.628 -3.973 1.00 1.27 ? 129  MET A C   1 
ATOM   20  O O   . MET A 1 3 ? -1.912 -1.684 -3.840 1.00 1.46 ? 129  MET A O   1 
ATOM   21  C CB  . MET A 1 3 ? -0.838 0.170  -1.625 1.00 2.03 ? 129  MET A CB  1 
ATOM   22  C CG  . MET A 1 3 ? 0.636  -0.258 -1.690 1.00 2.56 ? 129  MET A CG  1 
ATOM   23  S SD  . MET A 1 3 ? 1.762  0.992  -2.347 1.00 2.88 ? 129  MET A SD  1 
ATOM   24  C CE  . MET A 1 3 ? 1.795  2.110  -0.949 1.00 3.89 ? 129  MET A CE  1 
ATOM   25  N N   . LEU A 1 4 ? -0.380 -0.438 -4.940 1.00 1.28 ? 130  LEU A N   1 
ATOM   26  C CA  . LEU A 1 4 ? -0.113 -1.492 -5.906 1.00 1.68 ? 130  LEU A CA  1 
ATOM   27  C C   . LEU A 1 4 ? 1.348  -1.466 -6.295 1.00 2.04 ? 130  LEU A C   1 
ATOM   28  O O   . LEU A 1 4 ? 2.034  -0.445 -6.168 1.00 1.83 ? 130  LEU A O   1 
ATOM   29  C CB  . LEU A 1 4 ? -1.024 -1.352 -7.146 1.00 2.14 ? 130  LEU A CB  1 
ATOM   30  C CG  . LEU A 1 4 ? -0.937 -0.067 -8.000 1.00 2.73 ? 130  LEU A CG  1 
ATOM   31  C CD1 . LEU A 1 4 ? 0.195  -0.124 -9.042 1.00 2.94 ? 130  LEU A CD1 1 
ATOM   32  C CD2 . LEU A 1 4 ? -2.276 0.221  -8.699 1.00 2.82 ? 130  LEU A CD2 1 
ATOM   33  N N   . GLY A 1 5 ? 1.831  -2.603 -6.777 1.00 2.64 ? 131  GLY A N   1 
ATOM   34  C CA  . GLY A 1 5 ? 3.184  -2.628 -7.251 1.00 3.38 ? 131  GLY A CA  1 
ATOM   35  C C   . GLY A 1 5 ? 3.757  -4.014 -7.406 1.00 2.79 ? 131  GLY A C   1 
ATOM   36  O O   . GLY A 1 5 ? 3.084  -5.032 -7.167 1.00 3.36 ? 131  GLY A O   1 
ATOM   37  N N   . SER A 1 6 ? 5.028  -4.032 -7.788 1.00 2.44 ? 132  SER A N   1 
ATOM   38  C CA  . SER A 1 6 ? 5.761  -5.262 -8.065 1.00 2.30 ? 132  SER A CA  1 
ATOM   39  C C   . SER A 1 6 ? 6.919  -5.428 -7.090 1.00 2.27 ? 132  SER A C   1 
ATOM   40  O O   . SER A 1 6 ? 7.502  -4.440 -6.621 1.00 2.92 ? 132  SER A O   1 
ATOM   41  C CB  . SER A 1 6 ? 6.278  -5.255 -9.505 1.00 2.57 ? 132  SER A CB  1 
ATOM   42  O OG  . SER A 1 6 ? 7.147  -4.146 -9.715 1.00 3.29 ? 132  SER A OG  1 
ATOM   43  N N   . ALA A 1 7 ? 7.270  -6.680 -6.825 1.00 2.00 ? 1133 ALA A N   1 
ATOM   44  C CA  . ALA A 1 7 ? 8.342  -7.016 -5.902 1.00 2.45 ? 1133 ALA A CA  1 
ATOM   45  C C   . ALA A 1 7 ? 8.882  -8.399 -6.224 1.00 2.22 ? 1133 ALA A C   1 
ATOM   46  O O   . ALA A 1 7 ? 9.870  -8.796 -5.606 1.00 2.56 ? 1133 ALA A O   1 
ATOM   47  C CB  . ALA A 1 7 ? 7.852  -6.952 -4.450 0.94 2.75 ? 1133 ALA A CB  1 
ATOM   48  O OXT . ALA A 1 7 ? 8.327  -9.124 -7.071 1.00 2.71 ? 1133 ALA A OXT 1 
ATOM   49  N N   . GLY B 1 1 ? 8.089  -4.535 2.575  1.00 2.64 ? 127  GLY B N   1 
ATOM   50  C CA  . GLY B 1 1 ? 6.948  -4.546 1.658  1.00 2.10 ? 127  GLY B CA  1 
ATOM   51  C C   . GLY B 1 1 ? 6.319  -3.169 1.504  1.00 1.97 ? 127  GLY B C   1 
ATOM   52  O O   . GLY B 1 1 ? 6.918  -2.148 1.872  1.00 3.31 ? 127  GLY B O   1 
ATOM   53  N N   . TYR B 1 2 ? 5.108  -3.150 0.950  1.00 1.50 ? 128  TYR B N   1 
ATOM   54  C CA  . TYR B 1 2 ? 4.358  -1.924 0.689  1.00 1.69 ? 128  TYR B CA  1 
ATOM   55  C C   . TYR B 1 2 ? 3.237  -1.806 1.714  1.00 2.12 ? 128  TYR B C   1 
ATOM   56  O O   . TYR B 1 2 ? 2.648  -2.821 2.086  1.00 2.79 ? 128  TYR B O   1 
ATOM   57  C CB  . TYR B 1 2 ? 3.757  -1.955 -0.713 1.00 2.20 ? 128  TYR B CB  1 
ATOM   58  C CG  . TYR B 1 2 ? 4.750  -2.080 -1.844 1.00 2.58 ? 128  TYR B CG  1 
ATOM   59  C CD1 . TYR B 1 2 ? 4.566  -3.005 -2.863 1.00 3.06 ? 128  TYR B CD1 1 
ATOM   60  C CD2 . TYR B 1 2 ? 5.859  -1.237 -1.923 1.00 3.17 ? 128  TYR B CD2 1 
ATOM   61  C CE1 . TYR B 1 2 ? 5.472  -3.103 -3.925 1.00 3.30 ? 128  TYR B CE1 1 
ATOM   62  C CE2 . TYR B 1 2 ? 6.760  -1.333 -2.976 1.00 3.25 ? 128  TYR B CE2 1 
ATOM   63  C CZ  . TYR B 1 2 ? 6.562  -2.260 -3.971 1.00 2.93 ? 128  TYR B CZ  1 
ATOM   64  O OH  . TYR B 1 2 ? 7.479  -2.321 -4.998 1.00 3.39 ? 128  TYR B OH  1 
ATOM   65  N N   . MET B 1 3 ? 2.908  -0.593 2.147  1.00 2.09 ? 129  MET B N   1 
ATOM   66  C CA  A MET B 1 3 ? 1.822  -0.437 3.104  0.59 2.48 ? 129  MET B CA  1 
ATOM   67  C CA  B MET B 1 3 ? 1.889  -0.381 3.179  0.41 2.57 ? 129  MET B CA  1 
ATOM   68  C C   . MET B 1 3 ? 1.035  0.838  2.854  1.00 2.09 ? 129  MET B C   1 
ATOM   69  O O   . MET B 1 3 ? 1.556  1.824  2.322  1.00 2.33 ? 129  MET B O   1 
ATOM   70  C CB  A MET B 1 3 ? 2.359  -0.447 4.538  0.59 3.26 ? 129  MET B CB  1 
ATOM   71  C CB  B MET B 1 3 ? 2.548  -0.186 4.554  0.41 3.55 ? 129  MET B CB  1 
ATOM   72  C CG  A MET B 1 3 ? 3.259  0.735  4.894  0.59 3.88 ? 129  MET B CG  1 
ATOM   73  C CG  B MET B 1 3 ? 1.566  -0.016 5.721  0.41 4.53 ? 129  MET B CG  1 
ATOM   74  S SD  A MET B 1 3 ? 2.390  2.236  5.402  0.59 4.84 ? 129  MET B SD  1 
ATOM   75  S SD  B MET B 1 3 ? 2.225  0.822  7.189  0.41 5.61 ? 129  MET B SD  1 
ATOM   76  C CE  A MET B 1 3 ? 1.901  1.854  7.090  0.59 5.29 ? 129  MET B CE  1 
ATOM   77  C CE  B MET B 1 3 ? 2.141  2.544  6.698  0.41 5.64 ? 129  MET B CE  1 
ATOM   78  N N   . LEU B 1 4 ? -0.241 0.794  3.228  1.00 1.41 ? 130  LEU B N   1 
ATOM   79  C CA  . LEU B 1 4 ? -1.113 1.964  3.237  1.00 1.24 ? 130  LEU B CA  1 
ATOM   80  C C   . LEU B 1 4 ? -2.097 1.798  4.382  1.00 1.26 ? 130  LEU B C   1 
ATOM   81  O O   . LEU B 1 4 ? -2.829 0.800  4.426  1.00 1.27 ? 130  LEU B O   1 
ATOM   82  C CB  . LEU B 1 4 ? -1.871 2.121  1.917  1.00 1.33 ? 130  LEU B CB  1 
ATOM   83  C CG  . LEU B 1 4 ? -3.120 3.023  1.959  1.00 2.12 ? 130  LEU B CG  1 
ATOM   84  C CD1 . LEU B 1 4 ? -2.818 4.489  2.328  1.00 2.37 ? 130  LEU B CD1 1 
ATOM   85  C CD2 . LEU B 1 4 ? -3.859 2.963  0.618  1.00 2.46 ? 130  LEU B CD2 1 
ATOM   86  N N   . GLY B 1 5 ? -2.131 2.765  5.295  1.00 1.13 ? 131  GLY B N   1 
ATOM   87  C CA  . GLY B 1 5 ? -3.177 2.813  6.296  1.00 1.26 ? 131  GLY B CA  1 
ATOM   88  C C   . GLY B 1 5 ? -3.837 4.176  6.320  1.00 1.22 ? 131  GLY B C   1 
ATOM   89  O O   . GLY B 1 5 ? -3.194 5.189  6.026  1.00 1.50 ? 131  GLY B O   1 
ATOM   90  N N   . SER B 1 6 ? -5.118 4.200  6.678  1.00 1.44 ? 132  SER B N   1 
ATOM   91  C CA  . SER B 1 6 ? -5.880 5.429  6.710  1.00 2.18 ? 132  SER B CA  1 
ATOM   92  C C   . SER B 1 6 ? -6.989 5.333  7.742  1.00 2.09 ? 132  SER B C   1 
ATOM   93  O O   . SER B 1 6 ? -7.627 4.284  7.873  1.00 2.62 ? 132  SER B O   1 
ATOM   94  C CB  . SER B 1 6 ? -6.470 5.707  5.331  1.00 2.95 ? 132  SER B CB  1 
ATOM   95  O OG  . SER B 1 6 ? -7.276 6.866  5.354  1.00 3.80 ? 132  SER B OG  1 
ATOM   96  N N   . ALA B 1 7 ? -7.230 6.427  8.454  1.00 1.82 ? 133  ALA B N   1 
ATOM   97  C CA  . ALA B 1 7 ? -8.356 6.498  9.374  1.00 2.05 ? 133  ALA B CA  1 
ATOM   98  C C   . ALA B 1 7 ? -8.733 7.957  9.628  1.00 2.75 ? 133  ALA B C   1 
ATOM   99  O O   . ALA B 1 7 ? -8.303 8.843  8.882  1.00 3.05 ? 133  ALA B O   1 
ATOM   100 C CB  . ALA B 1 7 ? -8.033 5.766  10.690 1.00 2.38 ? 133  ALA B CB  1 
ATOM   101 O OXT . ALA B 1 7 ? -9.498 8.238  10.570 1.00 3.78 ? 133  ALA B OXT 1 
HETATM 102 O O   . HOH C 2 . ? 7.428  -8.551 -9.669 1.00 8.16 ? 1201 HOH A O   1 
HETATM 103 O O   . HOH C 2 . ? -9.665 4.332  -3.695 1.00 5.30 ? 1202 HOH A O   1 
HETATM 104 O O   . HOH C 2 . ? 4.344  -6.462 -4.954 1.00 7.57 ? 1203 HOH A O   1 
HETATM 105 O O   . HOH C 2 . ? -8.696 2.447  -5.340 1.00 3.93 ? 1204 HOH A O   1 
HETATM 106 O O   . HOH C 2 . ? 5.955  -8.696 -1.612 1.00 8.47 ? 1205 HOH A O   1 
HETATM 107 O O   . HOH D 2 . ? -9.630 7.582  6.594  1.00 8.99 ? 201  HOH B O   1 
HETATM 108 O O   . HOH D 2 . ? 7.102  -3.974 5.224  1.00 7.65 ? 202  HOH B O   1 
HETATM 109 O O   . HOH D 2 . ? 7.812  -4.605 -1.587 1.00 5.17 ? 203  HOH B O   1 
HETATM 110 O O   . HOH D 2 . ? 5.277  -6.179 -2.159 1.00 8.02 ? 204  HOH B O   1 
# 
loop_
_atom_site_anisotrop.id 
_atom_site_anisotrop.type_symbol 
_atom_site_anisotrop.pdbx_label_atom_id 
_atom_site_anisotrop.pdbx_label_alt_id 
_atom_site_anisotrop.pdbx_label_comp_id 
_atom_site_anisotrop.pdbx_label_asym_id 
_atom_site_anisotrop.pdbx_label_seq_id 
_atom_site_anisotrop.pdbx_PDB_ins_code 
_atom_site_anisotrop.U[1][1] 
_atom_site_anisotrop.U[2][2] 
_atom_site_anisotrop.U[3][3] 
_atom_site_anisotrop.U[1][2] 
_atom_site_anisotrop.U[1][3] 
_atom_site_anisotrop.U[2][3] 
_atom_site_anisotrop.pdbx_auth_seq_id 
_atom_site_anisotrop.pdbx_auth_comp_id 
_atom_site_anisotrop.pdbx_auth_asym_id 
_atom_site_anisotrop.pdbx_auth_atom_id 
1   N N   . GLY A 1 ? 0.0202 0.0231 0.0156 0.0048  0.0090  0.0004  127  GLY A N   
2   C CA  . GLY A 1 ? 0.0167 0.0226 0.0134 0.0024  0.0084  -0.0015 127  GLY A CA  
3   C C   . GLY A 1 ? 0.0180 0.0149 0.0199 -0.0026 0.0046  -0.0014 127  GLY A C   
4   O O   . GLY A 1 ? 0.0200 0.0209 0.0411 -0.0027 0.0145  -0.0010 127  GLY A O   
5   N N   . TYR A 2 ? 0.0157 0.0121 0.0076 -0.0007 -0.0010 -0.0053 128  TYR A N   
6   C CA  . TYR A 2 ? 0.0169 0.0133 0.0083 -0.0025 -0.0020 -0.0048 128  TYR A CA  
7   C C   . TYR A 2 ? 0.0187 0.0122 0.0063 -0.0016 -0.0022 -0.0027 128  TYR A C   
8   O O   . TYR A 2 ? 0.0197 0.0152 0.0098 -0.0053 -0.0044 0.0001  128  TYR A O   
9   C CB  . TYR A 2 ? 0.0263 0.0194 0.0076 -0.0019 -0.0030 0.0007  128  TYR A CB  
10  C CG  . TYR A 2 ? 0.0229 0.0243 0.0080 -0.0007 -0.0040 -0.0033 128  TYR A CG  
11  C CD1 . TYR A 2 ? 0.0276 0.0276 0.0102 -0.0015 -0.0070 0.0007  128  TYR A CD1 
12  C CD2 . TYR A 2 ? 0.0328 0.0334 0.0092 0.0036  0.0000  -0.0002 128  TYR A CD2 
13  C CE1 . TYR A 2 ? 0.0328 0.0317 0.0105 0.0009  -0.0033 0.0061  128  TYR A CE1 
14  C CE2 . TYR A 2 ? 0.0344 0.0334 0.0109 0.0029  0.0012  0.0059  128  TYR A CE2 
15  C CZ  . TYR A 2 ? 0.0388 0.0368 0.0130 0.0019  0.0012  0.0084  128  TYR A CZ  
16  O OH  . TYR A 2 ? 0.0483 0.0446 0.0203 0.0071  0.0078  0.0121  128  TYR A OH  
17  N N   . MET A 3 ? 0.0175 0.0151 0.0108 0.0014  -0.0032 -0.0035 129  MET A N   
18  C CA  . MET A 3 ? 0.0158 0.0201 0.0140 -0.0020 -0.0038 -0.0047 129  MET A CA  
19  C C   . MET A 3 ? 0.0151 0.0201 0.0133 -0.0032 0.0002  0.0007  129  MET A C   
20  O O   . MET A 3 ? 0.0163 0.0155 0.0237 -0.0056 0.0031  -0.0050 129  MET A O   
21  C CB  . MET A 3 ? 0.0182 0.0425 0.0165 -0.0029 -0.0051 0.0081  129  MET A CB  
22  C CG  . MET A 3 ? 0.0236 0.0502 0.0233 -0.0045 -0.0103 0.0022  129  MET A CG  
23  S SD  . MET A 3 ? 0.0331 0.0524 0.0240 0.0017  -0.0090 0.0025  129  MET A SD  
24  C CE  . MET A 3 ? 0.0407 0.0719 0.0352 0.0065  -0.0117 -0.0040 129  MET A CE  
25  N N   . LEU A 4 ? 0.0157 0.0179 0.0151 -0.0039 -0.0003 -0.0027 130  LEU A N   
26  C CA  . LEU A 4 ? 0.0225 0.0192 0.0222 0.0009  -0.0012 -0.0059 130  LEU A CA  
27  C C   . LEU A 4 ? 0.0244 0.0169 0.0361 0.0035  0.0064  0.0001  130  LEU A C   
28  O O   . LEU A 4 ? 0.0225 0.0112 0.0360 0.0015  0.0021  0.0014  130  LEU A O   
29  C CB  . LEU A 4 ? 0.0314 0.0289 0.0210 -0.0017 -0.0059 -0.0024 130  LEU A CB  
30  C CG  . LEU A 4 ? 0.0424 0.0407 0.0205 0.0008  0.0016  0.0061  130  LEU A CG  
31  C CD1 . LEU A 4 ? 0.0439 0.0430 0.0249 -0.0020 0.0068  0.0041  130  LEU A CD1 
32  C CD2 . LEU A 4 ? 0.0469 0.0458 0.0143 0.0024  -0.0073 0.0033  130  LEU A CD2 
33  N N   . GLY A 5 ? 0.0256 0.0263 0.0484 0.0048  0.0174  -0.0005 131  GLY A N   
34  C CA  . GLY A 5 ? 0.0307 0.0305 0.0673 0.0030  0.0225  0.0007  131  GLY A CA  
35  C C   . GLY A 5 ? 0.0248 0.0214 0.0598 -0.0025 0.0180  -0.0060 131  GLY A C   
36  O O   . GLY A 5 ? 0.0264 0.0251 0.0762 -0.0034 0.0156  -0.0015 131  GLY A O   
37  N N   . SER A 6 ? 0.0254 0.0218 0.0454 -0.0019 0.0185  -0.0052 132  SER A N   
38  C CA  . SER A 6 ? 0.0263 0.0183 0.0427 -0.0063 0.0081  -0.0117 132  SER A CA  
39  C C   . SER A 6 ? 0.0269 0.0234 0.0359 -0.0065 0.0003  -0.0123 132  SER A C   
40  O O   . SER A 6 ? 0.0337 0.0293 0.0479 -0.0059 -0.0065 -0.0132 132  SER A O   
41  C CB  . SER A 6 ? 0.0312 0.0213 0.0453 -0.0104 0.0110  -0.0108 132  SER A CB  
42  O OG  . SER A 6 ? 0.0405 0.0335 0.0509 -0.0101 0.0129  -0.0167 132  SER A OG  
43  N N   . ALA A 7 ? 0.0212 0.0239 0.0310 -0.0043 -0.0019 -0.0077 1133 ALA A N   
44  C CA  . ALA A 7 ? 0.0262 0.0386 0.0282 0.0021  -0.0068 -0.0092 1133 ALA A CA  
45  C C   . ALA A 7 ? 0.0264 0.0332 0.0246 0.0000  -0.0135 -0.0076 1133 ALA A C   
46  O O   . ALA A 7 ? 0.0323 0.0362 0.0287 0.0032  -0.0107 0.0021  1133 ALA A O   
47  C CB  . ALA A 7 ? 0.0301 0.0484 0.0260 0.0033  -0.0042 -0.0034 1133 ALA A CB  
48  O OXT . ALA A 7 ? 0.0326 0.0419 0.0284 0.0081  -0.0142 -0.0048 1133 ALA A OXT 
49  N N   . GLY B 1 ? 0.0287 0.0281 0.0436 0.0081  -0.0181 -0.0024 127  GLY B N   
50  C CA  . GLY B 1 ? 0.0241 0.0198 0.0358 0.0026  -0.0163 0.0004  127  GLY B CA  
51  C C   . GLY B 1 ? 0.0213 0.0171 0.0363 -0.0001 -0.0141 -0.0051 127  GLY B C   
52  O O   . GLY B 1 ? 0.0271 0.0220 0.0765 0.0024  -0.0186 -0.0068 127  GLY B O   
53  N N   . TYR B 2 ? 0.0137 0.0171 0.0263 -0.0010 -0.0088 -0.0019 128  TYR B N   
54  C CA  . TYR B 2 ? 0.0207 0.0147 0.0287 -0.0007 -0.0046 -0.0016 128  TYR B CA  
55  C C   . TYR B 2 ? 0.0197 0.0197 0.0412 -0.0010 0.0007  -0.0016 128  TYR B C   
56  O O   . TYR B 2 ? 0.0213 0.0180 0.0667 0.0010  0.0119  0.0010  128  TYR B O   
57  C CB  . TYR B 2 ? 0.0279 0.0296 0.0260 -0.0019 -0.0072 0.0005  128  TYR B CB  
58  C CG  . TYR B 2 ? 0.0362 0.0374 0.0245 -0.0018 -0.0076 0.0001  128  TYR B CG  
59  C CD1 . TYR B 2 ? 0.0398 0.0444 0.0321 -0.0038 -0.0084 -0.0080 128  TYR B CD1 
60  C CD2 . TYR B 2 ? 0.0422 0.0481 0.0303 -0.0034 -0.0047 0.0046  128  TYR B CD2 
61  C CE1 . TYR B 2 ? 0.0432 0.0470 0.0351 -0.0059 -0.0034 -0.0048 128  TYR B CE1 
62  C CE2 . TYR B 2 ? 0.0461 0.0441 0.0333 -0.0053 -0.0027 0.0011  128  TYR B CE2 
63  C CZ  . TYR B 2 ? 0.0448 0.0359 0.0306 -0.0099 -0.0017 -0.0032 128  TYR B CZ  
64  O OH  . TYR B 2 ? 0.0469 0.0378 0.0439 -0.0123 0.0037  -0.0025 128  TYR B OH  
65  N N   . MET B 3 ? 0.0202 0.0191 0.0403 0.0010  0.0078  -0.0011 129  MET B N   
66  C CA  A MET B 3 ? 0.0275 0.0300 0.0364 0.0027  0.0102  0.0039  129  MET B CA  
67  C CA  B MET B 3 ? 0.0264 0.0310 0.0400 0.0047  0.0084  0.0056  129  MET B CA  
68  C C   . MET B 3 ? 0.0240 0.0229 0.0324 0.0016  0.0090  0.0005  129  MET B C   
69  O O   . MET B 3 ? 0.0240 0.0232 0.0413 0.0012  0.0165  0.0066  129  MET B O   
70  C CB  A MET B 3 ? 0.0406 0.0470 0.0362 0.0047  0.0074  0.0045  129  MET B CB  
71  C CB  B MET B 3 ? 0.0365 0.0542 0.0444 0.0124  0.0045  0.0138  129  MET B CB  
72  C CG  A MET B 3 ? 0.0555 0.0543 0.0374 0.0070  0.0021  0.0046  129  MET B CG  
73  C CG  B MET B 3 ? 0.0475 0.0758 0.0487 0.0202  -0.0045 0.0150  129  MET B CG  
74  S SD  A MET B 3 ? 0.0693 0.0681 0.0464 0.0070  -0.0019 0.0162  129  MET B SD  
75  S SD  B MET B 3 ? 0.0595 0.0982 0.0553 0.0303  -0.0111 0.0166  129  MET B SD  
76  C CE  A MET B 3 ? 0.0796 0.0645 0.0569 0.0121  0.0105  0.0251  129  MET B CE  
77  C CE  B MET B 3 ? 0.0647 0.0890 0.0606 0.0298  -0.0101 0.0097  129  MET B CE  
78  N N   . LEU B 4 ? 0.0172 0.0155 0.0209 -0.0025 0.0026  -0.0025 130  LEU B N   
79  C CA  . LEU B 4 ? 0.0194 0.0101 0.0176 -0.0006 0.0020  0.0017  130  LEU B CA  
80  C C   . LEU B 4 ? 0.0191 0.0138 0.0149 -0.0010 0.0028  0.0031  130  LEU B C   
81  O O   . LEU B 4 ? 0.0199 0.0133 0.0150 -0.0034 0.0000  0.0047  130  LEU B O   
82  C CB  . LEU B 4 ? 0.0231 0.0113 0.0160 -0.0016 -0.0096 -0.0021 130  LEU B CB  
83  C CG  . LEU B 4 ? 0.0314 0.0250 0.0240 0.0042  -0.0123 0.0050  130  LEU B CG  
84  C CD1 . LEU B 4 ? 0.0336 0.0310 0.0256 0.0093  -0.0099 0.0022  130  LEU B CD1 
85  C CD2 . LEU B 4 ? 0.0352 0.0366 0.0215 0.0045  -0.0093 0.0117  130  LEU B CD2 
86  N N   . GLY B 5 ? 0.0198 0.0086 0.0146 0.0015  0.0072  0.0038  131  GLY B N   
87  C CA  . GLY B 5 ? 0.0196 0.0146 0.0136 0.0032  0.0081  0.0053  131  GLY B CA  
88  C C   . GLY B 5 ? 0.0187 0.0183 0.0092 -0.0019 0.0039  0.0055  131  GLY B C   
89  O O   . GLY B 5 ? 0.0196 0.0222 0.0153 0.0019  0.0063  -0.0001 131  GLY B O   
90  N N   . SER B 6 ? 0.0221 0.0128 0.0197 0.0005  0.0030  -0.0002 132  SER B N   
91  C CA  . SER B 6 ? 0.0227 0.0261 0.0341 0.0016  0.0043  0.0060  132  SER B CA  
92  C C   . SER B 6 ? 0.0208 0.0172 0.0414 -0.0065 0.0040  -0.0048 132  SER B C   
93  O O   . SER B 6 ? 0.0235 0.0202 0.0557 -0.0060 0.0123  -0.0058 132  SER B O   
94  C CB  . SER B 6 ? 0.0295 0.0344 0.0480 0.0060  -0.0069 0.0118  132  SER B CB  
95  O OG  . SER B 6 ? 0.0343 0.0411 0.0692 0.0065  -0.0129 0.0198  132  SER B OG  
96  N N   . ALA B 7 ? 0.0198 0.0182 0.0313 -0.0081 0.0048  -0.0067 133  ALA B N   
97  C CA  . ALA B 7 ? 0.0300 0.0216 0.0263 -0.0027 0.0061  -0.0038 133  ALA B CA  
98  C C   . ALA B 7 ? 0.0380 0.0267 0.0400 0.0013  0.0160  0.0037  133  ALA B C   
99  O O   . ALA B 7 ? 0.0438 0.0222 0.0498 0.0053  0.0197  0.0070  133  ALA B O   
100 C CB  . ALA B 7 ? 0.0343 0.0277 0.0285 -0.0033 -0.0024 0.0006  133  ALA B CB  
101 O OXT . ALA B 7 ? 0.0522 0.0338 0.0574 0.0133  0.0288  0.0071  133  ALA B OXT 
102 O O   . HOH C . ? 0.1586 0.0894 0.0622 0.0130  -0.0291 -0.0097 1201 HOH A O   
103 O O   . HOH C . ? 0.0773 0.0871 0.0368 -0.0199 -0.0125 0.0040  1202 HOH A O   
104 O O   . HOH C . ? 0.0625 0.1205 0.1046 -0.0038 -0.0022 -0.0229 1203 HOH A O   
105 O O   . HOH C . ? 0.0371 0.0733 0.0388 -0.0022 -0.0138 0.0143  1204 HOH A O   
106 O O   . HOH C . ? 0.1046 0.1282 0.0890 0.0097  -0.0147 -0.0425 1205 HOH A O   
107 O O   . HOH D . ? 0.1013 0.1471 0.0933 0.0285  -0.0090 0.0039  201  HOH B O   
108 O O   . HOH D . ? 0.1312 0.0819 0.0777 0.0109  0.0185  -0.0125 202  HOH B O   
109 O O   . HOH D . ? 0.0717 0.0932 0.0314 0.0134  -0.0025 0.0070  203  HOH B O   
110 O O   . HOH D . ? 0.1087 0.0880 0.1078 -0.0154 0.0571  -0.0354 204  HOH B O   
# 
